data_8P3J
#
_entry.id   8P3J
#
_cell.length_a   62.436
_cell.length_b   75.828
_cell.length_c   118.530
_cell.angle_alpha   90.00
_cell.angle_beta   90.00
_cell.angle_gamma   90.00
#
_symmetry.space_group_name_H-M   'P 21 21 21'
#
loop_
_entity.id
_entity.type
_entity.pdbx_description
1 polymer 'Synaptotagmin-like protein 2,Ras-related protein Rab-27A'
2 non-polymer ~{N}-(4-pyrrolidin-1-ylsulfonylphenyl)prop-2-enamide
3 non-polymer 'PHOSPHOAMINOPHOSPHONIC ACID-GUANYLATE ESTER'
4 non-polymer GLYCEROL
5 non-polymer 'MAGNESIUM ION'
6 water water
#
_entity_poly.entity_id   1
_entity_poly.type   'polypeptide(L)'
_entity_poly.pdbx_seq_one_letter_code
;GHMSFLTEEEQEAIMKVLQRDAALKRAEEERGSGSGSGMSDGDYDYLIKFLALGDSGVGKTSVLYQYTDGKFNSKFITTV
GIDFREKRVVYRASGPDGATGRGQRIHLQLWDTAGLERFRSLTTAFFRDAMGFLLLFDLTNEQSFLNVRNWISQLQMHAY
AENPDIVLCGNKSDLEDQRVVKEEEAIALAEKYGIPYFETSAANGTNISQAIEMLLDLIMKRMERSVDKS
;
_entity_poly.pdbx_strand_id   A,B
#
loop_
_chem_comp.id
_chem_comp.type
_chem_comp.name
_chem_comp.formula
GNP non-polymer 'PHOSPHOAMINOPHOSPHONIC ACID-GUANYLATE ESTER' 'C10 H17 N6 O13 P3'
GOL non-polymer GLYCEROL 'C3 H8 O3'
MG non-polymer 'MAGNESIUM ION' 'Mg 2'
WT6 non-polymer ~{N}-(4-pyrrolidin-1-ylsulfonylphenyl)prop-2-enamide 'C13 H16 N2 O3 S'
#
# COMPACT_ATOMS: atom_id res chain seq x y z
N GLY A 1 22.97 -5.41 -13.28
CA GLY A 1 22.13 -5.93 -12.21
C GLY A 1 22.66 -5.58 -10.83
N HIS A 2 22.71 -4.28 -10.52
CA HIS A 2 23.19 -3.82 -9.21
C HIS A 2 22.31 -2.66 -8.73
N MET A 3 21.06 -2.96 -8.39
CA MET A 3 20.13 -1.94 -7.92
C MET A 3 20.47 -1.53 -6.50
N SER A 4 20.78 -0.25 -6.31
CA SER A 4 21.03 0.27 -4.97
C SER A 4 19.72 0.36 -4.20
N PHE A 5 19.81 0.15 -2.89
CA PHE A 5 18.67 0.47 -2.05
C PHE A 5 18.41 1.97 -2.08
N LEU A 6 17.32 2.37 -1.44
CA LEU A 6 17.01 3.80 -1.39
C LEU A 6 18.01 4.52 -0.49
N THR A 7 18.60 5.58 -1.01
CA THR A 7 19.34 6.51 -0.17
C THR A 7 18.41 7.12 0.88
N GLU A 8 18.99 7.76 1.89
CA GLU A 8 18.14 8.39 2.89
C GLU A 8 17.43 9.64 2.37
N GLU A 9 17.96 10.26 1.31
CA GLU A 9 17.23 11.35 0.67
C GLU A 9 16.02 10.80 -0.07
N GLU A 10 16.21 9.75 -0.86
CA GLU A 10 15.06 9.08 -1.48
C GLU A 10 14.07 8.63 -0.43
N GLN A 11 14.57 7.91 0.60
CA GLN A 11 13.72 7.40 1.66
C GLN A 11 12.93 8.54 2.31
N GLU A 12 13.59 9.69 2.49
CA GLU A 12 12.94 10.86 3.09
C GLU A 12 11.80 11.37 2.22
N ALA A 13 12.04 11.46 0.92
CA ALA A 13 11.02 11.97 0.01
C ALA A 13 9.78 11.09 0.03
N ILE A 14 9.97 9.77 -0.12
CA ILE A 14 8.80 8.90 -0.21
C ILE A 14 8.01 8.89 1.09
N MET A 15 8.67 9.11 2.23
CA MET A 15 7.93 9.12 3.48
C MET A 15 7.13 10.39 3.65
N LYS A 16 7.62 11.51 3.13
CA LYS A 16 6.80 12.71 3.18
C LYS A 16 5.60 12.60 2.25
N VAL A 17 5.73 11.84 1.14
CA VAL A 17 4.59 11.57 0.27
C VAL A 17 3.53 10.73 0.99
N LEU A 18 3.98 9.71 1.76
CA LEU A 18 3.05 8.85 2.48
C LEU A 18 2.42 9.57 3.65
N GLN A 19 3.12 10.53 4.24
CA GLN A 19 2.49 11.35 5.25
C GLN A 19 1.41 12.23 4.63
N ARG A 20 1.74 12.94 3.56
CA ARG A 20 0.73 13.65 2.79
C ARG A 20 -0.47 12.75 2.49
N ASP A 21 -0.22 11.50 2.13
CA ASP A 21 -1.32 10.61 1.75
C ASP A 21 -2.16 10.23 2.97
N ALA A 22 -1.52 9.93 4.10
CA ALA A 22 -2.27 9.54 5.28
C ALA A 22 -3.12 10.68 5.79
N ALA A 23 -2.58 11.90 5.78
CA ALA A 23 -3.36 13.06 6.20
C ALA A 23 -4.58 13.25 5.30
N LEU A 24 -4.37 13.13 3.99
CA LEU A 24 -5.47 13.24 3.03
C LEU A 24 -6.56 12.23 3.32
N LYS A 25 -6.20 10.96 3.51
CA LYS A 25 -7.21 9.95 3.80
C LYS A 25 -7.93 10.25 5.11
N ARG A 26 -7.21 10.76 6.10
CA ARG A 26 -7.83 10.97 7.40
C ARG A 26 -8.85 12.11 7.33
N ALA A 27 -8.52 13.19 6.62
CA ALA A 27 -9.50 14.25 6.38
C ALA A 27 -10.69 13.74 5.59
N GLU A 28 -10.47 12.80 4.66
CA GLU A 28 -11.57 12.18 3.92
C GLU A 28 -12.49 11.39 4.83
N GLU A 29 -11.94 10.76 5.86
CA GLU A 29 -12.78 10.06 6.82
C GLU A 29 -13.72 11.02 7.54
N GLU A 30 -13.27 12.24 7.81
CA GLU A 30 -14.10 13.26 8.45
C GLU A 30 -15.03 13.94 7.43
N ASP A 45 -16.76 15.27 -2.84
CA ASP A 45 -17.31 14.34 -1.88
C ASP A 45 -17.47 12.94 -2.50
N TYR A 46 -16.48 12.62 -3.32
CA TYR A 46 -16.01 11.26 -3.51
C TYR A 46 -14.51 11.42 -3.68
N LEU A 47 -13.73 10.76 -2.83
CA LEU A 47 -12.32 10.57 -3.13
C LEU A 47 -12.22 9.55 -4.25
N ILE A 48 -11.75 9.98 -5.41
CA ILE A 48 -11.56 9.12 -6.57
C ILE A 48 -10.07 9.06 -6.83
N LYS A 49 -9.49 7.85 -6.80
CA LYS A 49 -8.05 7.68 -6.95
C LYS A 49 -7.73 6.89 -8.21
N PHE A 50 -6.76 7.35 -8.99
CA PHE A 50 -6.17 6.51 -10.01
CA PHE A 50 -6.17 6.55 -10.04
C PHE A 50 -4.67 6.76 -10.04
N LEU A 51 -3.98 6.01 -10.90
CA LEU A 51 -2.54 5.92 -10.87
C LEU A 51 -1.99 5.95 -12.30
N ALA A 52 -0.96 6.77 -12.51
CA ALA A 52 -0.23 6.81 -13.76
C ALA A 52 0.88 5.77 -13.74
N LEU A 53 1.12 5.12 -14.87
CA LEU A 53 2.13 4.08 -14.90
C LEU A 53 2.57 3.87 -16.35
N GLY A 54 3.71 3.25 -16.51
CA GLY A 54 4.34 3.13 -17.82
C GLY A 54 5.84 3.20 -17.68
N ASP A 55 6.51 3.05 -18.82
CA ASP A 55 7.97 3.05 -18.84
C ASP A 55 8.49 4.41 -18.35
N SER A 56 9.76 4.44 -17.97
CA SER A 56 10.34 5.69 -17.50
C SER A 56 10.70 6.59 -18.68
N GLY A 57 10.42 7.88 -18.52
CA GLY A 57 10.65 8.85 -19.57
C GLY A 57 9.53 8.99 -20.57
N VAL A 58 8.38 8.34 -20.35
CA VAL A 58 7.27 8.41 -21.29
C VAL A 58 6.35 9.60 -21.00
N GLY A 59 6.43 10.18 -19.80
CA GLY A 59 5.71 11.41 -19.55
C GLY A 59 4.62 11.35 -18.49
N LYS A 60 4.84 10.58 -17.43
CA LYS A 60 3.81 10.42 -16.41
C LYS A 60 3.68 11.68 -15.56
N THR A 61 4.80 12.14 -14.98
CA THR A 61 4.78 13.37 -14.19
C THR A 61 4.29 14.56 -15.03
N SER A 62 4.80 14.70 -16.26
CA SER A 62 4.44 15.86 -17.07
C SER A 62 2.94 15.87 -17.40
N VAL A 63 2.39 14.69 -17.71
CA VAL A 63 0.98 14.64 -18.09
C VAL A 63 0.09 15.05 -16.93
N LEU A 64 0.48 14.69 -15.71
CA LEU A 64 -0.33 15.06 -14.54
C LEU A 64 -0.17 16.54 -14.19
N TYR A 65 1.04 17.07 -14.33
CA TYR A 65 1.29 18.50 -14.10
C TYR A 65 0.59 19.37 -15.14
N GLN A 66 0.50 18.89 -16.39
CA GLN A 66 -0.29 19.64 -17.36
C GLN A 66 -1.74 19.66 -16.93
N TYR A 67 -2.26 18.53 -16.45
CA TYR A 67 -3.66 18.46 -16.03
C TYR A 67 -3.92 19.38 -14.84
N THR A 68 -3.12 19.28 -13.77
CA THR A 68 -3.46 20.06 -12.59
C THR A 68 -3.11 21.54 -12.73
N ASP A 69 -1.91 21.87 -13.26
CA ASP A 69 -1.39 23.23 -13.22
C ASP A 69 -1.24 23.93 -14.56
N GLY A 70 -1.47 23.22 -15.68
CA GLY A 70 -1.36 23.82 -16.99
C GLY A 70 0.04 24.21 -17.43
N LYS A 71 1.07 23.74 -16.75
CA LYS A 71 2.43 24.12 -17.10
C LYS A 71 3.20 22.88 -17.53
N PHE A 72 4.39 23.09 -18.06
CA PHE A 72 5.19 21.98 -18.55
C PHE A 72 6.66 22.34 -18.43
N ASN A 73 7.43 21.41 -17.90
CA ASN A 73 8.84 21.58 -17.57
C ASN A 73 9.64 20.71 -18.54
N SER A 74 10.59 21.33 -19.23
CA SER A 74 11.37 20.56 -20.19
C SER A 74 12.42 19.71 -19.50
N LYS A 75 12.91 20.15 -18.33
CA LYS A 75 13.95 19.40 -17.65
C LYS A 75 13.39 18.09 -17.10
N PHE A 76 14.03 16.98 -17.46
CA PHE A 76 13.72 15.66 -16.92
C PHE A 76 14.09 15.61 -15.46
N ILE A 77 13.11 15.36 -14.61
CA ILE A 77 13.33 15.16 -13.19
C ILE A 77 12.62 13.86 -12.84
N THR A 78 13.38 12.77 -12.81
CA THR A 78 12.76 11.47 -12.67
C THR A 78 12.13 11.29 -11.28
N THR A 79 11.04 10.55 -11.25
CA THR A 79 10.27 10.41 -10.02
C THR A 79 10.97 9.51 -9.00
N VAL A 80 11.30 10.08 -7.86
CA VAL A 80 11.76 9.33 -6.71
C VAL A 80 10.66 8.40 -6.21
N GLY A 81 10.40 7.33 -6.95
CA GLY A 81 9.50 6.29 -6.47
C GLY A 81 8.02 6.55 -6.60
N ILE A 82 7.49 7.46 -5.80
CA ILE A 82 6.05 7.66 -5.73
C ILE A 82 5.78 9.12 -5.42
N ASP A 83 4.72 9.66 -6.02
CA ASP A 83 4.18 10.96 -5.66
C ASP A 83 2.72 10.98 -6.09
N PHE A 84 2.02 12.02 -5.67
CA PHE A 84 0.68 12.24 -6.22
C PHE A 84 0.40 13.72 -6.33
N ARG A 85 -0.64 14.03 -7.10
CA ARG A 85 -1.21 15.36 -7.24
C ARG A 85 -2.70 15.28 -6.94
N GLU A 86 -3.32 16.46 -6.77
CA GLU A 86 -4.74 16.57 -6.55
C GLU A 86 -5.35 17.60 -7.49
N LYS A 87 -6.64 17.43 -7.75
CA LYS A 87 -7.47 18.38 -8.45
C LYS A 87 -8.89 18.21 -7.93
N ARG A 88 -9.65 19.29 -7.92
CA ARG A 88 -11.08 19.22 -7.63
C ARG A 88 -11.85 19.48 -8.90
N VAL A 89 -12.71 18.53 -9.27
CA VAL A 89 -13.37 18.54 -10.56
C VAL A 89 -14.84 18.24 -10.36
N VAL A 90 -15.62 18.58 -11.38
CA VAL A 90 -17.07 18.42 -11.37
C VAL A 90 -17.42 17.44 -12.47
N TYR A 91 -17.95 16.29 -12.08
CA TYR A 91 -18.24 15.21 -13.02
C TYR A 91 -19.74 15.06 -13.16
N ARG A 92 -20.20 14.96 -14.40
CA ARG A 92 -21.62 14.76 -14.68
C ARG A 92 -21.78 13.49 -15.49
N ALA A 93 -22.79 12.69 -15.12
CA ALA A 93 -23.03 11.40 -15.74
C ALA A 93 -23.60 11.56 -17.15
N SER A 94 -23.46 10.49 -17.94
CA SER A 94 -24.01 10.42 -19.28
C SER A 94 -25.19 9.45 -19.27
N GLY A 95 -26.33 9.92 -19.81
CA GLY A 95 -27.48 9.08 -20.02
C GLY A 95 -27.85 9.05 -21.49
N PRO A 96 -29.12 8.80 -21.80
CA PRO A 96 -29.58 8.92 -23.19
C PRO A 96 -29.71 10.37 -23.59
N ASP A 97 -29.57 10.63 -24.90
CA ASP A 97 -29.78 11.97 -25.46
C ASP A 97 -28.87 13.01 -24.78
N GLY A 98 -27.74 12.56 -24.24
CA GLY A 98 -26.96 13.38 -23.34
C GLY A 98 -27.39 13.14 -21.90
N ALA A 99 -28.55 13.69 -21.52
CA ALA A 99 -29.08 13.61 -20.16
C ALA A 99 -27.99 13.83 -19.13
N THR A 100 -27.14 14.83 -19.37
CA THR A 100 -26.04 15.09 -18.47
C THR A 100 -26.57 15.42 -17.08
N GLY A 101 -26.26 14.55 -16.13
CA GLY A 101 -26.84 14.59 -14.80
C GLY A 101 -26.24 15.70 -13.95
N ARG A 102 -26.57 15.63 -12.66
CA ARG A 102 -26.11 16.64 -11.72
C ARG A 102 -24.60 16.67 -11.65
N GLY A 103 -24.05 17.86 -11.43
CA GLY A 103 -22.62 18.01 -11.31
C GLY A 103 -22.17 17.47 -9.98
N GLN A 104 -21.48 16.35 -9.99
CA GLN A 104 -21.00 15.76 -8.75
C GLN A 104 -19.61 16.28 -8.45
N ARG A 105 -19.31 16.45 -7.17
CA ARG A 105 -17.97 16.91 -6.81
C ARG A 105 -17.05 15.71 -6.63
N ILE A 106 -16.00 15.69 -7.44
CA ILE A 106 -14.98 14.65 -7.40
C ILE A 106 -13.70 15.30 -6.93
N HIS A 107 -13.07 14.68 -5.94
CA HIS A 107 -11.77 15.08 -5.42
C HIS A 107 -10.83 13.96 -5.85
N LEU A 108 -10.06 14.22 -6.91
CA LEU A 108 -9.21 13.23 -7.55
C LEU A 108 -7.83 13.22 -6.90
N GLN A 109 -7.42 12.06 -6.39
CA GLN A 109 -6.02 11.81 -6.06
C GLN A 109 -5.39 11.12 -7.25
N LEU A 110 -4.24 11.62 -7.71
CA LEU A 110 -3.60 11.15 -8.93
C LEU A 110 -2.21 10.60 -8.62
N TRP A 111 -2.09 9.27 -8.52
CA TRP A 111 -0.83 8.69 -8.11
C TRP A 111 0.14 8.65 -9.28
N ASP A 112 1.39 9.04 -9.02
CA ASP A 112 2.45 9.13 -10.00
C ASP A 112 3.57 8.20 -9.57
N THR A 113 3.99 7.32 -10.46
CA THR A 113 4.91 6.26 -10.09
C THR A 113 6.19 6.36 -10.91
N ALA A 114 7.31 6.05 -10.26
CA ALA A 114 8.55 5.88 -11.00
C ALA A 114 8.42 4.68 -11.95
N GLY A 115 9.18 4.73 -13.04
CA GLY A 115 9.03 3.73 -14.07
C GLY A 115 10.18 2.74 -14.08
N LEU A 116 11.30 3.15 -13.48
CA LEU A 116 12.50 2.33 -13.49
C LEU A 116 12.30 1.11 -12.61
N GLU A 117 12.55 -0.08 -13.18
CA GLU A 117 12.27 -1.34 -12.52
C GLU A 117 12.90 -1.44 -11.13
N ARG A 118 13.87 -0.57 -10.82
CA ARG A 118 14.45 -0.50 -9.48
C ARG A 118 13.40 -0.17 -8.42
N PHE A 119 12.38 0.60 -8.80
CA PHE A 119 11.28 1.00 -7.91
C PHE A 119 10.07 0.10 -8.02
N ARG A 120 10.16 -0.98 -8.81
CA ARG A 120 8.98 -1.74 -9.19
C ARG A 120 8.29 -2.35 -7.96
N SER A 121 9.05 -2.75 -6.95
CA SER A 121 8.39 -3.37 -5.80
C SER A 121 7.64 -2.34 -4.97
N LEU A 122 8.14 -1.10 -4.91
CA LEU A 122 7.44 -0.06 -4.14
C LEU A 122 6.23 0.48 -4.89
N THR A 123 6.37 0.79 -6.19
CA THR A 123 5.24 1.35 -6.94
C THR A 123 4.05 0.40 -6.93
N THR A 124 4.31 -0.91 -7.05
CA THR A 124 3.26 -1.92 -7.07
C THR A 124 2.51 -2.02 -5.76
N ALA A 125 3.12 -1.54 -4.66
CA ALA A 125 2.44 -1.46 -3.38
C ALA A 125 1.26 -0.48 -3.39
N PHE A 126 1.11 0.32 -4.43
CA PHE A 126 0.10 1.37 -4.42
C PHE A 126 -1.07 1.07 -5.35
N PHE A 127 -1.04 -0.06 -6.07
CA PHE A 127 -2.21 -0.48 -6.82
C PHE A 127 -3.43 -0.65 -5.91
N ARG A 128 -3.22 -1.04 -4.66
N ARG A 128 -3.23 -1.05 -4.66
CA ARG A 128 -4.33 -1.23 -3.73
CA ARG A 128 -4.35 -1.22 -3.74
C ARG A 128 -5.17 0.03 -3.58
C ARG A 128 -5.20 0.04 -3.67
N ASP A 129 -4.56 1.21 -3.67
CA ASP A 129 -5.33 2.44 -3.59
C ASP A 129 -5.95 2.87 -4.92
N ALA A 130 -5.49 2.36 -6.06
CA ALA A 130 -5.90 2.91 -7.34
C ALA A 130 -7.24 2.34 -7.79
N MET A 131 -8.23 3.20 -8.03
CA MET A 131 -9.50 2.75 -8.63
C MET A 131 -9.43 2.61 -10.15
N GLY A 132 -8.28 2.84 -10.75
CA GLY A 132 -8.15 2.81 -12.19
C GLY A 132 -6.73 3.22 -12.56
N PHE A 133 -6.40 3.04 -13.84
CA PHE A 133 -5.02 3.18 -14.29
C PHE A 133 -4.94 3.97 -15.58
N LEU A 134 -3.87 4.73 -15.71
CA LEU A 134 -3.61 5.50 -16.91
C LEU A 134 -2.28 5.02 -17.48
N LEU A 135 -2.34 4.11 -18.44
CA LEU A 135 -1.16 3.51 -19.04
C LEU A 135 -0.56 4.43 -20.10
N LEU A 136 0.73 4.74 -19.97
CA LEU A 136 1.42 5.59 -20.94
C LEU A 136 2.51 4.82 -21.66
N PHE A 137 2.62 5.06 -22.97
CA PHE A 137 3.85 4.83 -23.71
C PHE A 137 4.25 6.14 -24.36
N ASP A 138 5.45 6.14 -24.94
CA ASP A 138 5.98 7.30 -25.68
C ASP A 138 5.75 7.09 -27.17
N LEU A 139 5.15 8.08 -27.84
CA LEU A 139 4.93 7.92 -29.29
C LEU A 139 6.26 7.82 -30.04
N THR A 140 7.34 8.38 -29.47
CA THR A 140 8.65 8.39 -30.11
C THR A 140 9.58 7.27 -29.63
N ASN A 141 9.09 6.32 -28.83
CA ASN A 141 9.91 5.22 -28.34
C ASN A 141 9.15 3.89 -28.52
N GLU A 142 9.53 3.10 -29.54
CA GLU A 142 8.79 1.88 -29.83
C GLU A 142 8.85 0.89 -28.67
N GLN A 143 10.00 0.79 -27.99
CA GLN A 143 10.09 -0.14 -26.88
C GLN A 143 9.16 0.24 -25.75
N SER A 144 8.87 1.52 -25.56
CA SER A 144 7.90 1.88 -24.54
C SER A 144 6.52 1.38 -24.93
N PHE A 145 6.23 1.33 -26.23
CA PHE A 145 4.92 0.86 -26.65
C PHE A 145 4.86 -0.66 -26.59
N LEU A 146 5.94 -1.34 -26.97
CA LEU A 146 5.97 -2.79 -26.86
C LEU A 146 5.89 -3.25 -25.42
N ASN A 147 6.39 -2.47 -24.48
CA ASN A 147 6.27 -2.87 -23.09
C ASN A 147 4.83 -2.82 -22.59
N VAL A 148 3.93 -2.14 -23.32
CA VAL A 148 2.56 -1.97 -22.83
C VAL A 148 1.97 -3.29 -22.40
N ARG A 149 2.07 -4.30 -23.27
CA ARG A 149 1.53 -5.63 -22.96
C ARG A 149 1.95 -6.10 -21.58
N ASN A 150 3.27 -6.16 -21.32
CA ASN A 150 3.75 -6.55 -19.98
C ASN A 150 3.11 -5.69 -18.90
N TRP A 151 2.93 -4.39 -19.18
CA TRP A 151 2.30 -3.54 -18.19
C TRP A 151 0.87 -3.98 -17.93
N ILE A 152 0.14 -4.38 -18.98
CA ILE A 152 -1.24 -4.74 -18.74
C ILE A 152 -1.34 -6.04 -17.94
N SER A 153 -0.46 -7.02 -18.22
CA SER A 153 -0.45 -8.24 -17.42
C SER A 153 -0.06 -7.96 -15.97
N GLN A 154 0.93 -7.08 -15.77
CA GLN A 154 1.19 -6.58 -14.44
C GLN A 154 -0.07 -6.01 -13.79
N LEU A 155 -0.91 -5.32 -14.57
CA LEU A 155 -2.11 -4.73 -14.00
C LEU A 155 -3.13 -5.81 -13.66
N GLN A 156 -3.38 -6.73 -14.60
CA GLN A 156 -4.24 -7.88 -14.32
C GLN A 156 -3.79 -8.62 -13.06
N MET A 157 -2.51 -9.01 -13.02
CA MET A 157 -2.01 -9.80 -11.90
C MET A 157 -1.98 -9.01 -10.59
N HIS A 158 -1.83 -7.70 -10.65
CA HIS A 158 -1.62 -7.00 -9.38
C HIS A 158 -2.74 -6.05 -8.97
N ALA A 159 -3.67 -5.69 -9.86
CA ALA A 159 -4.74 -4.79 -9.46
C ALA A 159 -5.58 -5.42 -8.35
N TYR A 160 -6.19 -4.58 -7.54
CA TYR A 160 -6.93 -5.05 -6.38
C TYR A 160 -8.42 -5.18 -6.66
N ALA A 161 -8.83 -4.91 -7.89
CA ALA A 161 -10.09 -5.37 -8.43
C ALA A 161 -9.79 -5.98 -9.79
N GLU A 162 -10.55 -7.00 -10.18
CA GLU A 162 -10.24 -7.72 -11.40
C GLU A 162 -10.90 -7.05 -12.61
N ASN A 163 -10.22 -7.17 -13.76
CA ASN A 163 -10.53 -6.44 -14.99
C ASN A 163 -10.41 -4.93 -14.76
N PRO A 164 -9.22 -4.44 -14.40
CA PRO A 164 -9.11 -3.04 -13.99
C PRO A 164 -9.42 -2.08 -15.12
N ASP A 165 -9.96 -0.92 -14.76
CA ASP A 165 -10.18 0.14 -15.74
C ASP A 165 -8.84 0.78 -16.11
N ILE A 166 -8.58 0.88 -17.41
CA ILE A 166 -7.35 1.45 -17.95
C ILE A 166 -7.70 2.37 -19.11
N VAL A 167 -7.07 3.54 -19.16
CA VAL A 167 -6.96 4.32 -20.38
C VAL A 167 -5.51 4.30 -20.83
N LEU A 168 -5.30 4.10 -22.12
CA LEU A 168 -3.97 4.10 -22.72
C LEU A 168 -3.66 5.47 -23.34
N CYS A 169 -2.44 5.93 -23.17
CA CYS A 169 -2.04 7.25 -23.67
C CYS A 169 -0.69 7.12 -24.37
N GLY A 170 -0.69 7.24 -25.68
CA GLY A 170 0.54 7.52 -26.41
C GLY A 170 0.88 8.99 -26.27
N ASN A 171 1.90 9.29 -25.49
CA ASN A 171 2.24 10.64 -25.11
C ASN A 171 3.25 11.23 -26.09
N LYS A 172 3.55 12.51 -25.90
CA LYS A 172 4.55 13.26 -26.70
C LYS A 172 4.09 13.47 -28.14
N SER A 173 2.81 13.72 -28.32
CA SER A 173 2.35 13.81 -29.69
C SER A 173 2.82 15.09 -30.37
N ASP A 174 3.34 16.07 -29.62
CA ASP A 174 3.86 17.28 -30.26
C ASP A 174 5.14 17.02 -31.04
N LEU A 175 5.78 15.86 -30.86
CA LEU A 175 7.02 15.54 -31.56
C LEU A 175 6.71 14.67 -32.79
N GLU A 176 6.12 15.32 -33.80
CA GLU A 176 5.75 14.59 -35.01
C GLU A 176 6.96 14.06 -35.73
N ASP A 177 8.00 14.88 -35.86
CA ASP A 177 9.21 14.46 -36.54
C ASP A 177 9.90 13.31 -35.84
N GLN A 178 9.67 13.12 -34.54
CA GLN A 178 10.28 12.01 -33.81
C GLN A 178 9.35 10.81 -33.65
N ARG A 179 8.15 10.88 -34.20
CA ARG A 179 7.16 9.84 -33.92
C ARG A 179 7.58 8.53 -34.58
N VAL A 180 7.66 7.47 -33.79
CA VAL A 180 8.02 6.17 -34.33
C VAL A 180 6.95 5.10 -34.15
N VAL A 181 6.05 5.22 -33.19
CA VAL A 181 4.99 4.22 -33.01
C VAL A 181 3.90 4.46 -34.04
N LYS A 182 3.59 3.42 -34.82
CA LYS A 182 2.52 3.55 -35.80
C LYS A 182 1.17 3.63 -35.10
N GLU A 183 0.28 4.45 -35.64
CA GLU A 183 -1.03 4.58 -35.04
C GLU A 183 -1.84 3.30 -35.19
N GLU A 184 -1.57 2.54 -36.24
CA GLU A 184 -2.29 1.28 -36.44
C GLU A 184 -1.97 0.31 -35.33
N GLU A 185 -0.69 0.19 -34.96
CA GLU A 185 -0.32 -0.74 -33.90
C GLU A 185 -0.95 -0.36 -32.57
N ALA A 186 -1.13 0.94 -32.30
CA ALA A 186 -1.69 1.37 -31.03
C ALA A 186 -3.18 1.10 -30.95
N ILE A 187 -3.93 1.61 -31.93
CA ILE A 187 -5.37 1.36 -31.98
C ILE A 187 -5.68 -0.14 -32.01
N ALA A 188 -4.96 -0.90 -32.82
CA ALA A 188 -5.11 -2.35 -32.80
C ALA A 188 -4.93 -2.91 -31.39
N LEU A 189 -3.94 -2.40 -30.66
CA LEU A 189 -3.70 -2.93 -29.32
C LEU A 189 -4.81 -2.53 -28.36
N ALA A 190 -5.28 -1.28 -28.45
CA ALA A 190 -6.34 -0.85 -27.54
C ALA A 190 -7.62 -1.63 -27.78
N GLU A 191 -7.85 -2.06 -29.02
CA GLU A 191 -9.02 -2.88 -29.33
C GLU A 191 -8.87 -4.27 -28.75
N LYS A 192 -7.70 -4.89 -28.95
CA LYS A 192 -7.50 -6.22 -28.42
C LYS A 192 -7.82 -6.30 -26.93
N TYR A 193 -7.61 -5.20 -26.20
CA TYR A 193 -7.81 -5.22 -24.76
C TYR A 193 -9.05 -4.47 -24.31
N GLY A 194 -9.83 -3.93 -25.24
CA GLY A 194 -11.03 -3.18 -24.85
C GLY A 194 -10.77 -1.94 -24.02
N ILE A 195 -9.60 -1.31 -24.16
CA ILE A 195 -9.28 -0.10 -23.40
C ILE A 195 -9.26 1.12 -24.33
N PRO A 196 -9.71 2.29 -23.88
CA PRO A 196 -9.70 3.45 -24.75
C PRO A 196 -8.30 4.01 -24.89
N TYR A 197 -8.03 4.56 -26.07
CA TYR A 197 -6.71 5.05 -26.43
C TYR A 197 -6.76 6.54 -26.79
N PHE A 198 -5.81 7.30 -26.28
CA PHE A 198 -5.64 8.70 -26.67
C PHE A 198 -4.18 8.96 -26.94
N GLU A 199 -3.89 9.69 -28.03
CA GLU A 199 -2.56 10.26 -28.20
C GLU A 199 -2.56 11.65 -27.58
N THR A 200 -1.64 11.88 -26.66
CA THR A 200 -1.65 13.07 -25.84
C THR A 200 -0.33 13.83 -25.96
N SER A 201 -0.32 15.02 -25.40
CA SER A 201 0.91 15.80 -25.27
C SER A 201 0.85 16.54 -23.94
N ALA A 202 1.87 16.34 -23.12
CA ALA A 202 1.97 17.04 -21.85
C ALA A 202 2.65 18.37 -22.02
N ALA A 203 3.12 18.66 -23.23
CA ALA A 203 3.66 19.97 -23.53
C ALA A 203 2.55 20.98 -23.84
N ASN A 204 1.54 20.58 -24.64
CA ASN A 204 0.51 21.53 -25.07
C ASN A 204 -0.90 21.12 -24.66
N GLY A 205 -1.04 20.06 -23.87
CA GLY A 205 -2.30 19.75 -23.24
C GLY A 205 -3.28 19.00 -24.10
N THR A 206 -2.87 18.60 -25.30
CA THR A 206 -3.78 17.91 -26.20
C THR A 206 -4.19 16.58 -25.60
N ASN A 207 -5.50 16.38 -25.45
CA ASN A 207 -6.13 15.13 -25.04
C ASN A 207 -5.82 14.71 -23.61
N ILE A 208 -5.07 15.50 -22.84
CA ILE A 208 -4.86 15.17 -21.44
C ILE A 208 -6.18 15.11 -20.71
N SER A 209 -6.92 16.22 -20.72
CA SER A 209 -8.20 16.28 -20.02
C SER A 209 -9.16 15.20 -20.51
N GLN A 210 -9.20 14.99 -21.82
CA GLN A 210 -10.13 14.02 -22.37
C GLN A 210 -9.81 12.63 -21.89
N ALA A 211 -8.52 12.33 -21.72
CA ALA A 211 -8.13 10.99 -21.33
C ALA A 211 -8.40 10.75 -19.86
N ILE A 212 -8.12 11.75 -19.02
CA ILE A 212 -8.33 11.58 -17.60
C ILE A 212 -9.83 11.55 -17.29
N GLU A 213 -10.60 12.47 -17.88
CA GLU A 213 -12.05 12.48 -17.69
C GLU A 213 -12.69 11.18 -18.17
N MET A 214 -12.14 10.57 -19.21
CA MET A 214 -12.69 9.33 -19.69
C MET A 214 -12.47 8.22 -18.69
N LEU A 215 -11.26 8.13 -18.13
CA LEU A 215 -11.01 7.17 -17.07
C LEU A 215 -11.94 7.42 -15.90
N LEU A 216 -12.17 8.69 -15.57
CA LEU A 216 -13.08 9.02 -14.47
C LEU A 216 -14.51 8.62 -14.79
N ASP A 217 -14.92 8.65 -16.06
CA ASP A 217 -16.25 8.17 -16.40
C ASP A 217 -16.38 6.66 -16.18
N LEU A 218 -15.35 5.89 -16.55
CA LEU A 218 -15.37 4.45 -16.36
C LEU A 218 -15.39 4.06 -14.89
N ILE A 219 -14.65 4.81 -14.06
CA ILE A 219 -14.68 4.56 -12.62
C ILE A 219 -16.06 4.92 -12.07
N MET A 220 -16.56 6.10 -12.44
CA MET A 220 -17.90 6.52 -12.03
C MET A 220 -18.97 5.53 -12.50
N LYS A 221 -19.01 5.26 -13.81
CA LYS A 221 -20.03 4.35 -14.33
C LYS A 221 -19.94 2.99 -13.65
N ARG A 222 -18.73 2.54 -13.35
CA ARG A 222 -18.57 1.23 -12.74
C ARG A 222 -18.97 1.24 -11.26
N MET A 223 -18.75 2.35 -10.56
CA MET A 223 -19.26 2.40 -9.19
C MET A 223 -20.79 2.41 -9.19
N GLU A 224 -21.40 2.97 -10.24
CA GLU A 224 -22.84 3.07 -10.36
C GLU A 224 -23.52 1.71 -10.62
N ARG A 225 -22.77 0.68 -11.00
CA ARG A 225 -23.43 -0.60 -11.30
C ARG A 225 -23.75 -1.37 -10.03
N SER A 226 -22.91 -1.27 -9.00
CA SER A 226 -23.20 -1.83 -7.69
C SER A 226 -24.49 -1.23 -7.10
N GLY B 1 32.18 -6.56 3.61
CA GLY B 1 31.51 -6.75 2.34
C GLY B 1 31.07 -5.46 1.66
N HIS B 2 30.77 -5.55 0.37
CA HIS B 2 30.20 -4.41 -0.35
C HIS B 2 28.83 -4.08 0.21
N MET B 3 28.37 -2.87 -0.09
CA MET B 3 27.03 -2.50 0.33
C MET B 3 26.03 -3.41 -0.38
N SER B 4 25.32 -4.21 0.41
CA SER B 4 24.31 -5.14 -0.11
C SER B 4 23.36 -4.42 -1.06
N PHE B 5 22.93 -5.14 -2.11
CA PHE B 5 22.08 -4.57 -3.13
C PHE B 5 20.66 -5.10 -3.05
N LEU B 6 19.80 -4.47 -3.84
CA LEU B 6 18.55 -5.07 -4.30
C LEU B 6 18.88 -6.21 -5.26
N THR B 7 18.49 -7.43 -4.92
CA THR B 7 18.70 -8.52 -5.87
C THR B 7 17.46 -8.73 -6.72
N GLU B 8 17.65 -9.46 -7.82
CA GLU B 8 16.49 -9.98 -8.54
C GLU B 8 15.70 -10.93 -7.66
N GLU B 9 16.38 -11.85 -6.97
CA GLU B 9 15.70 -12.82 -6.11
C GLU B 9 14.76 -12.14 -5.14
N GLU B 10 15.22 -11.07 -4.48
CA GLU B 10 14.43 -10.45 -3.42
C GLU B 10 13.30 -9.57 -3.95
N GLN B 11 13.48 -8.89 -5.08
CA GLN B 11 12.36 -8.12 -5.62
C GLN B 11 11.27 -9.04 -6.13
N GLU B 12 11.64 -10.19 -6.67
CA GLU B 12 10.66 -11.22 -7.03
C GLU B 12 9.83 -11.62 -5.81
N ALA B 13 10.49 -11.88 -4.68
CA ALA B 13 9.78 -12.33 -3.49
C ALA B 13 8.74 -11.30 -3.05
N ILE B 14 9.13 -10.04 -3.00
CA ILE B 14 8.22 -8.98 -2.58
C ILE B 14 7.05 -8.86 -3.54
N MET B 15 7.30 -9.03 -4.84
CA MET B 15 6.21 -9.04 -5.81
C MET B 15 5.37 -10.31 -5.74
N LYS B 16 5.94 -11.41 -5.24
CA LYS B 16 5.12 -12.60 -5.01
C LYS B 16 4.13 -12.36 -3.87
N VAL B 17 4.58 -11.70 -2.82
CA VAL B 17 3.70 -11.34 -1.70
C VAL B 17 2.58 -10.42 -2.19
N LEU B 18 2.90 -9.49 -3.10
CA LEU B 18 1.92 -8.54 -3.62
C LEU B 18 0.93 -9.22 -4.54
N GLN B 19 1.41 -10.12 -5.42
CA GLN B 19 0.52 -11.01 -6.14
C GLN B 19 -0.48 -11.66 -5.19
N ARG B 20 0.03 -12.32 -4.14
CA ARG B 20 -0.83 -13.06 -3.22
C ARG B 20 -1.88 -12.14 -2.60
N ASP B 21 -1.45 -11.00 -2.09
CA ASP B 21 -2.37 -10.05 -1.48
C ASP B 21 -3.48 -9.66 -2.46
N ALA B 22 -3.10 -9.18 -3.65
CA ALA B 22 -4.10 -8.80 -4.64
C ALA B 22 -5.09 -9.93 -4.88
N ALA B 23 -4.60 -11.18 -4.87
CA ALA B 23 -5.49 -12.32 -5.04
C ALA B 23 -6.44 -12.44 -3.86
N LEU B 24 -5.90 -12.36 -2.64
CA LEU B 24 -6.72 -12.50 -1.43
C LEU B 24 -7.75 -11.37 -1.33
N LYS B 25 -7.37 -10.15 -1.71
CA LYS B 25 -8.35 -9.06 -1.69
C LYS B 25 -9.45 -9.31 -2.70
N ARG B 26 -9.10 -9.84 -3.88
CA ARG B 26 -10.12 -10.08 -4.90
C ARG B 26 -11.03 -11.22 -4.48
N ALA B 27 -10.46 -12.25 -3.85
CA ALA B 27 -11.28 -13.33 -3.30
C ALA B 27 -12.39 -12.77 -2.42
N GLU B 28 -12.04 -12.09 -1.32
CA GLU B 28 -13.11 -11.72 -0.42
C GLU B 28 -13.99 -10.61 -0.97
N GLU B 29 -13.76 -10.17 -2.20
CA GLU B 29 -14.74 -9.33 -2.87
C GLU B 29 -15.98 -10.14 -3.26
N GLU B 30 -15.76 -11.27 -3.93
CA GLU B 30 -16.80 -12.18 -4.39
C GLU B 30 -17.75 -12.66 -3.30
N ARG B 31 -18.46 -11.76 -2.62
CA ARG B 31 -19.35 -12.15 -1.51
C ARG B 31 -20.58 -11.26 -1.36
N TYR B 44 -13.80 -16.08 7.64
CA TYR B 44 -14.75 -16.13 6.55
C TYR B 44 -15.65 -14.90 6.54
N ASP B 45 -16.53 -14.79 7.55
CA ASP B 45 -17.55 -13.74 7.56
C ASP B 45 -16.95 -12.33 7.46
N TYR B 46 -15.91 -12.04 8.25
CA TYR B 46 -15.25 -10.74 8.28
C TYR B 46 -13.79 -10.88 7.86
N LEU B 47 -13.23 -9.81 7.28
CA LEU B 47 -11.79 -9.73 6.98
C LEU B 47 -11.14 -8.71 7.89
N ILE B 48 -10.40 -9.18 8.90
CA ILE B 48 -9.63 -8.32 9.77
C ILE B 48 -8.16 -8.44 9.41
N LYS B 49 -7.50 -7.31 9.23
CA LYS B 49 -6.09 -7.23 8.93
C LYS B 49 -5.39 -6.45 10.02
N PHE B 50 -4.26 -6.94 10.49
CA PHE B 50 -3.40 -6.09 11.30
C PHE B 50 -1.96 -6.31 10.91
N LEU B 51 -1.08 -5.46 11.46
CA LEU B 51 0.30 -5.36 11.01
C LEU B 51 1.27 -5.38 12.18
N ALA B 52 2.29 -6.23 12.07
CA ALA B 52 3.30 -6.42 13.10
C ALA B 52 4.55 -5.64 12.73
N LEU B 53 5.16 -5.00 13.71
CA LEU B 53 6.25 -4.09 13.37
C LEU B 53 7.12 -3.86 14.61
N GLY B 54 8.37 -3.51 14.34
CA GLY B 54 9.32 -3.19 15.38
C GLY B 54 10.71 -3.34 14.85
N ASP B 55 11.68 -2.97 15.70
CA ASP B 55 13.08 -3.12 15.35
C ASP B 55 13.33 -4.51 14.79
N SER B 56 14.19 -4.60 13.79
CA SER B 56 14.55 -5.91 13.27
C SER B 56 15.18 -6.76 14.36
N GLY B 57 14.94 -8.06 14.27
CA GLY B 57 15.48 -9.01 15.22
C GLY B 57 14.74 -9.14 16.53
N VAL B 58 13.63 -8.42 16.73
CA VAL B 58 12.87 -8.55 17.98
C VAL B 58 11.91 -9.73 17.95
N GLY B 59 11.57 -10.23 16.77
CA GLY B 59 10.78 -11.45 16.67
C GLY B 59 9.40 -11.40 16.03
N LYS B 60 9.13 -10.44 15.15
CA LYS B 60 7.76 -10.32 14.63
C LYS B 60 7.40 -11.51 13.75
N THR B 61 8.34 -11.98 12.93
CA THR B 61 8.08 -13.15 12.11
C THR B 61 7.91 -14.41 12.98
N SER B 62 8.79 -14.59 13.97
CA SER B 62 8.64 -15.72 14.88
C SER B 62 7.31 -15.68 15.64
N VAL B 63 6.85 -14.49 16.04
CA VAL B 63 5.61 -14.38 16.80
C VAL B 63 4.43 -14.93 16.01
N LEU B 64 4.35 -14.61 14.73
CA LEU B 64 3.15 -14.99 14.00
C LEU B 64 3.23 -16.43 13.54
N TYR B 65 4.45 -16.94 13.30
CA TYR B 65 4.62 -18.36 12.99
C TYR B 65 4.19 -19.21 14.16
N GLN B 66 4.59 -18.80 15.36
CA GLN B 66 4.08 -19.46 16.57
C GLN B 66 2.55 -19.48 16.54
N TYR B 67 1.93 -18.31 16.35
CA TYR B 67 0.48 -18.23 16.53
C TYR B 67 -0.30 -18.96 15.44
N THR B 68 0.23 -19.03 14.21
CA THR B 68 -0.51 -19.73 13.17
C THR B 68 -0.19 -21.22 13.13
N ASP B 69 1.05 -21.60 13.49
CA ASP B 69 1.52 -22.99 13.40
C ASP B 69 1.82 -23.65 14.72
N GLY B 70 2.15 -22.88 15.76
CA GLY B 70 2.66 -23.49 16.98
C GLY B 70 4.06 -24.07 16.88
N LYS B 71 4.94 -23.45 16.11
CA LYS B 71 6.30 -23.92 15.90
C LYS B 71 7.24 -22.75 16.03
N PHE B 72 8.54 -23.01 16.05
CA PHE B 72 9.50 -21.92 16.25
C PHE B 72 10.86 -22.32 15.67
N ASN B 73 11.25 -21.65 14.60
N ASN B 73 11.28 -21.60 14.64
CA ASN B 73 12.59 -21.82 14.06
CA ASN B 73 12.60 -21.79 14.07
C ASN B 73 13.57 -20.93 14.82
C ASN B 73 13.60 -20.90 14.79
N SER B 74 14.72 -21.49 15.20
CA SER B 74 15.72 -20.73 15.94
C SER B 74 16.63 -19.93 15.03
N LYS B 75 16.72 -20.31 13.76
CA LYS B 75 17.64 -19.69 12.83
C LYS B 75 17.08 -18.36 12.35
N PHE B 76 17.84 -17.28 12.52
CA PHE B 76 17.37 -15.97 12.11
C PHE B 76 17.36 -15.87 10.59
N ILE B 77 16.18 -15.81 10.02
CA ILE B 77 15.99 -15.52 8.61
C ILE B 77 15.27 -14.18 8.55
N THR B 78 16.03 -13.09 8.45
CA THR B 78 15.44 -11.75 8.39
C THR B 78 14.50 -11.62 7.20
N THR B 79 13.51 -10.74 7.36
CA THR B 79 12.42 -10.62 6.41
C THR B 79 12.79 -9.72 5.23
N VAL B 80 12.42 -10.16 4.03
CA VAL B 80 12.60 -9.39 2.80
C VAL B 80 11.49 -8.36 2.67
N GLY B 81 11.49 -7.36 3.53
CA GLY B 81 10.58 -6.25 3.36
C GLY B 81 9.20 -6.45 3.93
N ILE B 82 8.44 -7.37 3.32
CA ILE B 82 7.03 -7.51 3.61
C ILE B 82 6.65 -8.98 3.45
N ASP B 83 5.69 -9.43 4.26
CA ASP B 83 5.07 -10.75 4.13
C ASP B 83 3.88 -10.83 5.07
N PHE B 84 3.01 -11.81 4.81
CA PHE B 84 1.82 -11.93 5.61
C PHE B 84 1.41 -13.39 5.73
N ARG B 85 0.59 -13.67 6.74
CA ARG B 85 -0.01 -14.96 6.98
C ARG B 85 -1.51 -14.76 7.09
N GLU B 86 -2.23 -15.87 7.20
CA GLU B 86 -3.66 -15.86 7.43
C GLU B 86 -3.99 -16.83 8.56
N LYS B 87 -5.17 -16.64 9.14
CA LYS B 87 -5.66 -17.57 10.14
C LYS B 87 -7.14 -17.37 10.29
N ARG B 88 -7.90 -18.44 10.07
CA ARG B 88 -9.32 -18.47 10.43
C ARG B 88 -9.42 -18.66 11.94
N VAL B 89 -10.24 -17.84 12.59
CA VAL B 89 -10.43 -17.90 14.03
C VAL B 89 -11.88 -17.50 14.33
N VAL B 90 -12.30 -17.69 15.58
CA VAL B 90 -13.63 -17.31 16.04
C VAL B 90 -13.49 -16.23 17.10
N TYR B 91 -14.11 -15.09 16.86
CA TYR B 91 -14.12 -13.98 17.78
C TYR B 91 -15.33 -14.09 18.70
N ARG B 92 -15.16 -13.65 19.95
CA ARG B 92 -16.28 -13.65 20.89
C ARG B 92 -16.37 -12.26 21.53
N ALA B 93 -17.42 -11.53 21.17
CA ALA B 93 -17.62 -10.17 21.66
C ALA B 93 -18.02 -10.18 23.13
N SER B 94 -17.36 -9.34 23.93
CA SER B 94 -17.51 -9.33 25.37
C SER B 94 -18.24 -8.05 25.83
N GLY B 95 -18.00 -7.66 27.08
CA GLY B 95 -18.71 -6.59 27.76
C GLY B 95 -18.43 -6.70 29.25
N PRO B 96 -18.78 -5.66 30.04
CA PRO B 96 -18.50 -5.72 31.49
C PRO B 96 -19.17 -6.94 32.08
N ASP B 97 -20.49 -6.98 31.93
CA ASP B 97 -21.23 -8.24 31.93
C ASP B 97 -20.57 -9.19 30.96
N GLY B 98 -20.09 -10.33 31.46
CA GLY B 98 -19.55 -11.34 30.58
C GLY B 98 -20.53 -11.76 29.50
N ALA B 99 -20.78 -10.87 28.53
CA ALA B 99 -21.73 -11.17 27.47
C ALA B 99 -21.25 -12.33 26.61
N THR B 100 -19.93 -12.39 26.35
CA THR B 100 -19.26 -13.34 25.45
C THR B 100 -20.22 -13.87 24.40
N GLY B 101 -20.71 -12.97 23.56
CA GLY B 101 -21.79 -13.23 22.62
C GLY B 101 -21.50 -14.29 21.58
N ARG B 102 -22.33 -14.32 20.54
CA ARG B 102 -22.25 -15.40 19.58
C ARG B 102 -21.02 -15.22 18.70
N GLY B 103 -20.17 -16.25 18.68
CA GLY B 103 -18.94 -16.24 17.93
C GLY B 103 -19.13 -15.84 16.49
N GLN B 104 -18.40 -14.82 16.07
CA GLN B 104 -18.39 -14.37 14.69
C GLN B 104 -17.16 -14.93 14.00
N ARG B 105 -17.35 -15.53 12.84
CA ARG B 105 -16.24 -16.13 12.11
C ARG B 105 -15.36 -15.02 11.55
N ILE B 106 -14.07 -15.05 11.87
CA ILE B 106 -13.14 -14.00 11.49
C ILE B 106 -11.98 -14.61 10.70
N HIS B 107 -11.60 -13.92 9.63
CA HIS B 107 -10.52 -14.33 8.73
C HIS B 107 -9.43 -13.28 8.83
N LEU B 108 -8.35 -13.62 9.53
CA LEU B 108 -7.27 -12.70 9.79
C LEU B 108 -6.26 -12.65 8.65
N GLN B 109 -5.66 -11.48 8.48
CA GLN B 109 -4.47 -11.30 7.64
C GLN B 109 -3.42 -10.61 8.48
N LEU B 110 -2.40 -11.36 8.87
CA LEU B 110 -1.37 -10.86 9.76
C LEU B 110 -0.20 -10.42 8.90
N TRP B 111 -0.02 -9.10 8.78
CA TRP B 111 1.12 -8.58 8.04
C TRP B 111 2.38 -8.62 8.90
N ASP B 112 3.50 -8.82 8.24
CA ASP B 112 4.79 -8.89 8.89
C ASP B 112 5.69 -7.93 8.12
N THR B 113 6.41 -7.07 8.84
CA THR B 113 7.25 -6.06 8.23
C THR B 113 8.70 -6.27 8.61
N ALA B 114 9.59 -6.03 7.67
CA ALA B 114 11.00 -5.90 8.01
C ALA B 114 11.25 -4.62 8.81
N GLY B 115 12.09 -4.75 9.85
CA GLY B 115 12.42 -3.60 10.68
C GLY B 115 13.60 -2.78 10.20
N LEU B 116 14.38 -3.29 9.26
CA LEU B 116 15.58 -2.60 8.80
C LEU B 116 15.22 -1.33 8.03
N GLU B 117 16.05 -0.30 8.23
CA GLU B 117 15.78 1.01 7.63
C GLU B 117 15.52 0.91 6.14
N ARG B 118 16.25 0.05 5.43
CA ARG B 118 16.13 -0.04 3.97
C ARG B 118 14.76 -0.45 3.51
N PHE B 119 13.89 -0.90 4.41
CA PHE B 119 12.54 -1.24 4.06
C PHE B 119 11.55 -0.27 4.66
N ARG B 120 12.02 0.86 5.18
CA ARG B 120 11.13 1.75 5.91
C ARG B 120 10.02 2.29 5.00
N SER B 121 10.38 2.79 3.82
CA SER B 121 9.36 3.32 2.92
C SER B 121 8.36 2.25 2.56
N LEU B 122 8.84 1.06 2.22
CA LEU B 122 7.97 0.04 1.67
C LEU B 122 7.02 -0.53 2.71
N THR B 123 7.51 -0.77 3.93
CA THR B 123 6.65 -1.30 4.97
C THR B 123 5.63 -0.27 5.40
N THR B 124 6.09 0.97 5.63
CA THR B 124 5.19 2.04 6.01
C THR B 124 4.03 2.19 5.03
N ALA B 125 4.23 1.77 3.78
CA ALA B 125 3.16 1.85 2.79
C ALA B 125 2.03 0.89 3.11
N PHE B 126 2.27 -0.11 3.94
CA PHE B 126 1.26 -1.10 4.21
C PHE B 126 0.46 -0.81 5.47
N PHE B 127 0.74 0.34 6.12
CA PHE B 127 -0.10 0.80 7.21
C PHE B 127 -1.51 1.17 6.73
N ARG B 128 -1.67 1.50 5.45
CA ARG B 128 -3.01 1.77 4.93
C ARG B 128 -3.90 0.55 5.11
N ASP B 129 -3.34 -0.64 4.90
CA ASP B 129 -4.11 -1.87 4.95
C ASP B 129 -4.31 -2.39 6.37
N ALA B 130 -3.67 -1.79 7.36
CA ALA B 130 -3.76 -2.30 8.72
C ALA B 130 -4.94 -1.68 9.47
N MET B 131 -5.63 -2.52 10.23
CA MET B 131 -6.72 -2.11 11.11
C MET B 131 -6.27 -1.94 12.55
N GLY B 132 -5.08 -2.43 12.88
CA GLY B 132 -4.53 -2.35 14.21
C GLY B 132 -3.08 -2.80 14.11
N PHE B 133 -2.33 -2.55 15.17
CA PHE B 133 -0.89 -2.75 15.09
C PHE B 133 -0.35 -3.57 16.26
N LEU B 134 0.58 -4.46 15.94
CA LEU B 134 1.29 -5.28 16.91
C LEU B 134 2.74 -4.78 16.99
N LEU B 135 3.03 -3.99 18.02
CA LEU B 135 4.36 -3.42 18.19
C LEU B 135 5.20 -4.29 19.12
N LEU B 136 6.37 -4.70 18.65
CA LEU B 136 7.25 -5.59 19.38
C LEU B 136 8.57 -4.91 19.73
N PHE B 137 9.08 -5.25 20.92
CA PHE B 137 10.47 -5.00 21.24
C PHE B 137 11.03 -6.25 21.88
N ASP B 138 12.34 -6.26 22.09
CA ASP B 138 13.08 -7.42 22.58
C ASP B 138 13.47 -7.14 24.03
N LEU B 139 12.92 -7.93 24.96
CA LEU B 139 13.30 -7.85 26.37
C LEU B 139 14.79 -8.04 26.59
N THR B 140 15.52 -8.57 25.60
CA THR B 140 16.96 -8.69 25.70
C THR B 140 17.71 -7.58 24.95
N ASN B 141 17.01 -6.51 24.54
CA ASN B 141 17.63 -5.46 23.73
C ASN B 141 17.07 -4.09 24.13
N GLU B 142 17.82 -3.35 24.95
CA GLU B 142 17.29 -2.11 25.49
C GLU B 142 17.05 -1.08 24.40
N GLN B 143 17.78 -1.18 23.29
CA GLN B 143 17.60 -0.19 22.23
C GLN B 143 16.24 -0.33 21.55
N SER B 144 15.85 -1.57 21.26
CA SER B 144 14.53 -1.81 20.69
C SER B 144 13.43 -1.29 21.60
N PHE B 145 13.63 -1.39 22.92
CA PHE B 145 12.66 -0.82 23.83
C PHE B 145 12.58 0.70 23.71
N LEU B 146 13.71 1.38 23.85
CA LEU B 146 13.72 2.82 23.71
C LEU B 146 13.20 3.28 22.36
N ASN B 147 13.27 2.42 21.34
CA ASN B 147 12.76 2.80 20.03
C ASN B 147 11.24 2.77 19.97
N VAL B 148 10.58 2.21 20.99
CA VAL B 148 9.13 2.04 20.91
C VAL B 148 8.43 3.39 20.75
N ARG B 149 8.94 4.43 21.41
CA ARG B 149 8.34 5.76 21.29
C ARG B 149 8.32 6.22 19.85
N ASN B 150 9.41 5.97 19.12
CA ASN B 150 9.46 6.41 17.72
C ASN B 150 8.49 5.60 16.87
N TRP B 151 8.47 4.28 17.04
CA TRP B 151 7.49 3.46 16.32
C TRP B 151 6.08 3.97 16.55
N ILE B 152 5.73 4.27 17.80
CA ILE B 152 4.38 4.77 18.07
C ILE B 152 4.14 6.06 17.30
N SER B 153 5.13 6.95 17.29
CA SER B 153 4.99 8.22 16.57
C SER B 153 4.75 7.99 15.08
N GLN B 154 5.54 7.10 14.47
CA GLN B 154 5.29 6.72 13.08
C GLN B 154 3.87 6.23 12.90
N LEU B 155 3.37 5.43 13.85
CA LEU B 155 2.02 4.91 13.75
C LEU B 155 0.98 6.02 13.75
N GLN B 156 1.16 7.05 14.59
CA GLN B 156 0.17 8.14 14.60
C GLN B 156 0.30 9.01 13.38
N MET B 157 1.52 9.18 12.89
CA MET B 157 1.81 9.99 11.72
C MET B 157 1.40 9.31 10.42
N HIS B 158 1.53 7.98 10.35
CA HIS B 158 1.39 7.28 9.08
C HIS B 158 0.22 6.32 9.01
N ALA B 159 -0.42 5.96 10.12
CA ALA B 159 -1.58 5.11 10.01
C ALA B 159 -2.77 5.92 9.47
N TYR B 160 -3.83 5.20 9.15
CA TYR B 160 -4.94 5.84 8.45
C TYR B 160 -6.17 5.97 9.35
N ALA B 161 -6.04 5.60 10.62
CA ALA B 161 -6.89 6.08 11.70
C ALA B 161 -6.02 6.81 12.72
N GLU B 162 -6.61 7.80 13.37
CA GLU B 162 -5.92 8.64 14.34
C GLU B 162 -6.05 8.05 15.74
N ASN B 163 -4.91 8.02 16.48
CA ASN B 163 -4.89 7.21 17.68
C ASN B 163 -5.38 5.83 17.31
N PRO B 164 -4.56 5.07 16.58
CA PRO B 164 -4.96 3.73 16.13
C PRO B 164 -4.68 2.67 17.18
N ASP B 165 -5.46 1.60 17.13
CA ASP B 165 -5.32 0.50 18.07
C ASP B 165 -3.94 -0.17 18.00
N ILE B 166 -3.14 0.00 19.04
CA ILE B 166 -1.83 -0.65 19.17
C ILE B 166 -1.89 -1.62 20.34
N VAL B 167 -1.15 -2.73 20.22
CA VAL B 167 -0.94 -3.69 21.30
C VAL B 167 0.54 -4.00 21.36
N LEU B 168 1.15 -3.82 22.53
CA LEU B 168 2.59 -3.78 22.62
C LEU B 168 3.11 -5.07 23.24
N CYS B 169 4.16 -5.62 22.64
CA CYS B 169 4.70 -6.93 23.03
C CYS B 169 6.18 -6.84 23.34
N GLY B 170 6.54 -7.15 24.58
CA GLY B 170 7.94 -7.35 24.89
C GLY B 170 8.22 -8.82 24.68
N ASN B 171 9.01 -9.16 23.67
CA ASN B 171 9.19 -10.53 23.25
C ASN B 171 10.50 -11.11 23.76
N LYS B 172 10.64 -12.43 23.57
CA LYS B 172 11.76 -13.24 24.08
C LYS B 172 11.74 -13.31 25.61
N SER B 173 10.52 -13.36 26.14
CA SER B 173 10.30 -13.54 27.57
C SER B 173 10.85 -14.85 28.08
N ASP B 174 11.20 -15.78 27.18
CA ASP B 174 11.82 -17.03 27.56
C ASP B 174 13.33 -16.90 27.76
N LEU B 175 13.90 -15.71 27.56
CA LEU B 175 15.33 -15.48 27.79
C LEU B 175 15.46 -14.57 29.02
N GLU B 176 15.36 -15.17 30.20
CA GLU B 176 15.40 -14.41 31.45
C GLU B 176 16.82 -14.02 31.80
N ASP B 177 17.74 -14.97 31.65
CA ASP B 177 19.15 -14.75 31.88
C ASP B 177 19.69 -13.58 31.08
N GLN B 178 18.97 -13.10 30.07
CA GLN B 178 19.46 -12.07 29.17
C GLN B 178 18.54 -10.86 29.10
N ARG B 179 17.49 -10.83 29.92
CA ARG B 179 16.60 -9.68 29.94
C ARG B 179 17.36 -8.43 30.38
N VAL B 180 16.91 -7.27 29.93
CA VAL B 180 17.50 -5.99 30.35
C VAL B 180 16.44 -4.91 30.44
N VAL B 181 15.26 -5.17 29.90
CA VAL B 181 14.17 -4.21 30.00
C VAL B 181 13.42 -4.49 31.28
N LYS B 182 13.36 -3.52 32.17
CA LYS B 182 12.62 -3.71 33.41
C LYS B 182 11.14 -3.75 33.13
N GLU B 183 10.47 -4.78 33.68
CA GLU B 183 9.02 -4.92 33.48
C GLU B 183 8.29 -3.64 33.83
N GLU B 184 8.68 -3.00 34.92
CA GLU B 184 8.04 -1.75 35.35
C GLU B 184 8.18 -0.65 34.30
N GLU B 185 9.34 -0.57 33.65
CA GLU B 185 9.54 0.47 32.64
C GLU B 185 8.59 0.29 31.47
N ALA B 186 8.35 -0.97 31.07
CA ALA B 186 7.42 -1.24 29.98
C ALA B 186 5.98 -0.98 30.41
N ILE B 187 5.58 -1.50 31.58
CA ILE B 187 4.24 -1.22 32.09
C ILE B 187 4.00 0.29 32.11
N ALA B 188 5.01 1.05 32.53
CA ALA B 188 4.88 2.50 32.60
C ALA B 188 4.76 3.09 31.20
N LEU B 189 5.64 2.70 30.29
CA LEU B 189 5.55 3.21 28.93
C LEU B 189 4.16 2.95 28.37
N ALA B 190 3.69 1.70 28.44
CA ALA B 190 2.42 1.36 27.83
C ALA B 190 1.25 2.03 28.54
N GLU B 191 1.40 2.26 29.84
CA GLU B 191 0.38 3.03 30.57
C GLU B 191 0.37 4.49 30.15
N LYS B 192 1.56 5.09 29.93
N LYS B 192 1.55 5.08 29.93
CA LYS B 192 1.65 6.47 29.49
CA LYS B 192 1.66 6.47 29.49
C LYS B 192 0.85 6.70 28.21
C LYS B 192 0.86 6.70 28.21
N TYR B 193 0.72 5.68 27.36
CA TYR B 193 -0.02 5.78 26.12
C TYR B 193 -1.38 5.11 26.17
N GLY B 194 -1.71 4.40 27.24
CA GLY B 194 -2.96 3.65 27.25
C GLY B 194 -2.94 2.47 26.30
N ILE B 195 -1.82 1.82 26.16
CA ILE B 195 -1.62 0.72 25.19
C ILE B 195 -1.51 -0.59 26.00
N PRO B 196 -2.29 -1.61 25.62
CA PRO B 196 -2.20 -2.89 26.35
C PRO B 196 -0.85 -3.54 26.14
N TYR B 197 -0.32 -4.14 27.20
CA TYR B 197 1.02 -4.70 27.19
C TYR B 197 1.00 -6.18 27.55
N PHE B 198 1.74 -6.99 26.79
CA PHE B 198 2.03 -8.36 27.15
C PHE B 198 3.51 -8.65 26.92
N GLU B 199 4.11 -9.39 27.84
CA GLU B 199 5.41 -10.01 27.61
C GLU B 199 5.16 -11.38 26.97
N THR B 200 5.81 -11.62 25.84
CA THR B 200 5.53 -12.82 25.04
C THR B 200 6.82 -13.58 24.74
N SER B 201 6.67 -14.81 24.26
CA SER B 201 7.79 -15.59 23.74
C SER B 201 7.29 -16.30 22.50
N ALA B 202 7.99 -16.11 21.38
CA ALA B 202 7.63 -16.86 20.19
C ALA B 202 8.09 -18.31 20.24
N ALA B 203 8.90 -18.68 21.22
CA ALA B 203 9.42 -20.04 21.26
C ALA B 203 8.45 -20.97 21.97
N ASN B 204 7.98 -20.59 23.16
CA ASN B 204 7.05 -21.42 23.91
C ASN B 204 5.60 -20.94 23.84
N GLY B 205 5.34 -19.85 23.12
CA GLY B 205 3.98 -19.38 22.90
C GLY B 205 3.37 -18.48 23.95
N THR B 206 4.07 -18.24 25.06
CA THR B 206 3.49 -17.51 26.19
C THR B 206 2.96 -16.15 25.73
N ASN B 207 1.66 -15.93 25.93
CA ASN B 207 0.91 -14.71 25.68
C ASN B 207 0.75 -14.38 24.20
N ILE B 208 1.25 -15.22 23.28
CA ILE B 208 1.13 -14.94 21.85
C ILE B 208 -0.33 -14.72 21.46
N SER B 209 -1.18 -15.71 21.68
CA SER B 209 -2.58 -15.58 21.31
C SER B 209 -3.31 -14.57 22.19
N GLN B 210 -2.92 -14.46 23.46
CA GLN B 210 -3.55 -13.47 24.33
C GLN B 210 -3.36 -12.07 23.75
N ALA B 211 -2.14 -11.77 23.30
CA ALA B 211 -1.84 -10.44 22.79
C ALA B 211 -2.60 -10.15 21.50
N ILE B 212 -2.86 -11.18 20.70
CA ILE B 212 -3.47 -11.03 19.38
C ILE B 212 -4.98 -10.99 19.48
N GLU B 213 -5.56 -11.89 20.28
CA GLU B 213 -6.96 -11.77 20.68
C GLU B 213 -7.23 -10.40 21.27
N MET B 214 -6.32 -9.89 22.09
CA MET B 214 -6.47 -8.53 22.60
C MET B 214 -6.55 -7.53 21.47
N LEU B 215 -5.61 -7.61 20.52
CA LEU B 215 -5.64 -6.66 19.41
C LEU B 215 -6.94 -6.78 18.63
N LEU B 216 -7.33 -8.02 18.33
CA LEU B 216 -8.57 -8.27 17.62
C LEU B 216 -9.78 -7.76 18.38
N ASP B 217 -9.74 -7.86 19.71
CA ASP B 217 -10.84 -7.32 20.51
C ASP B 217 -10.91 -5.80 20.42
N LEU B 218 -9.73 -5.15 20.33
CA LEU B 218 -9.68 -3.70 20.17
C LEU B 218 -10.24 -3.28 18.82
N ILE B 219 -9.85 -3.98 17.76
CA ILE B 219 -10.32 -3.64 16.42
C ILE B 219 -11.80 -3.92 16.28
N MET B 220 -12.29 -4.99 16.93
CA MET B 220 -13.69 -5.37 16.80
C MET B 220 -14.61 -4.43 17.56
N LYS B 221 -14.21 -4.03 18.77
CA LYS B 221 -15.00 -3.09 19.54
C LYS B 221 -15.01 -1.70 18.90
N ARG B 222 -14.07 -1.41 18.01
CA ARG B 222 -14.05 -0.11 17.34
C ARG B 222 -15.13 -0.04 16.26
N MET B 223 -15.18 -1.05 15.37
CA MET B 223 -16.21 -1.08 14.34
C MET B 223 -17.61 -1.08 14.93
N GLU B 224 -17.78 -1.78 16.06
CA GLU B 224 -19.10 -1.92 16.68
C GLU B 224 -19.68 -0.60 17.15
N ARG B 225 -18.88 0.48 17.18
CA ARG B 225 -19.41 1.79 17.51
C ARG B 225 -20.09 2.42 16.30
N SER B 226 -19.40 2.46 15.16
CA SER B 226 -19.99 2.98 13.93
C SER B 226 -20.89 1.96 13.25
C10 WT6 C . -14.60 1.29 -10.75
C16 WT6 C . -10.39 2.24 0.70
C17 WT6 C . -9.85 0.72 0.45
C03 WT6 C . -10.61 1.14 -4.48
C04 WT6 C . -11.93 1.52 -4.86
C05 WT6 C . -12.51 1.02 -6.02
C06 WT6 C . -11.80 0.14 -6.84
C08 WT6 C . -13.13 0.65 -8.95
C09 WT6 C . -13.84 0.32 -10.25
C12 WT6 C . -10.46 -0.25 -6.47
C13 WT6 C . -9.88 0.25 -5.30
C15 WT6 C . -11.07 2.62 -0.41
C18 WT6 C . -10.56 0.24 -0.59
N07 WT6 C . -12.44 -0.35 -8.08
N14 WT6 C . -10.83 1.50 -1.49
O01 WT6 C . -8.57 1.34 -2.80
O11 WT6 C . -13.18 1.76 -8.67
O19 WT6 C . -9.63 3.28 -3.05
S02 WT6 C . -9.90 1.84 -2.96
C10 WT6 D . -11.05 0.66 -20.06
C16 WT6 D . -17.30 -8.27 -17.37
C17 WT6 D . -18.84 -7.77 -17.22
C03 WT6 D . -15.36 -3.69 -17.07
C04 WT6 D . -13.98 -4.06 -17.05
C05 WT6 D . -13.03 -3.25 -17.65
C06 WT6 D . -13.44 -2.07 -18.26
C08 WT6 D . -11.03 -1.49 -19.09
C09 WT6 D . -10.29 -0.36 -19.73
C12 WT6 D . -14.82 -1.67 -18.27
C13 WT6 D . -15.77 -2.49 -17.66
C15 WT6 D . -16.63 -7.22 -17.91
C18 WT6 D . -18.82 -6.42 -17.09
N07 WT6 D . -12.46 -1.19 -18.88
N14 WT6 D . -17.34 -5.94 -17.33
O01 WT6 D . -15.88 -5.44 -15.18
O11 WT6 D . -10.50 -2.47 -18.81
O19 WT6 D . -17.51 -3.95 -15.54
S02 WT6 D . -16.54 -4.78 -16.25
PG GNP E . 9.85 8.63 -14.65
O1G GNP E . 9.30 9.59 -13.64
O2G GNP E . 11.38 8.51 -14.54
O3G GNP E . 9.22 7.25 -14.37
N3B GNP E . 9.47 9.19 -16.23
PB GNP E . 8.15 10.12 -16.59
O1B GNP E . 7.16 9.29 -17.32
O2B GNP E . 7.54 10.69 -15.34
O3A GNP E . 8.56 11.30 -17.64
PA GNP E . 8.60 12.83 -17.25
O1A GNP E . 9.27 12.90 -15.88
O2A GNP E . 7.27 13.50 -17.39
O5' GNP E . 9.68 13.43 -18.23
C5' GNP E . 9.85 12.90 -19.56
C4' GNP E . 10.83 13.75 -20.32
O4' GNP E . 10.27 14.00 -21.60
C3' GNP E . 11.07 15.13 -19.74
O3' GNP E . 12.19 15.77 -20.35
C2' GNP E . 9.83 15.86 -20.19
O2' GNP E . 10.08 17.26 -20.24
C1' GNP E . 9.64 15.27 -21.59
N9 GNP E . 8.23 15.08 -21.94
C8 GNP E . 7.24 14.49 -21.20
N7 GNP E . 6.07 14.52 -21.80
C5 GNP E . 6.31 15.23 -22.97
C6 GNP E . 5.43 15.60 -24.05
O6 GNP E . 4.23 15.34 -24.14
N1 GNP E . 6.09 16.29 -25.04
C2 GNP E . 7.43 16.60 -25.03
N2 GNP E . 7.91 17.27 -26.08
N3 GNP E . 8.25 16.25 -24.05
C4 GNP E . 7.63 15.56 -23.07
C1 GOL F . 11.49 19.76 -24.65
O1 GOL F . 12.59 19.60 -25.50
C2 GOL F . 10.96 18.33 -24.38
O2 GOL F . 11.63 17.69 -23.32
C3 GOL F . 11.17 17.66 -25.72
O3 GOL F . 10.27 18.30 -26.54
MG MG G . 7.86 10.81 -13.37
C10 WT6 H . -6.32 2.23 10.83
C16 WT6 H . -13.49 0.14 3.03
C17 WT6 H . -13.91 -1.33 2.51
C03 WT6 H . -9.98 -1.53 5.75
C04 WT6 H . -10.67 -1.08 6.93
C05 WT6 H . -9.99 -0.36 7.89
C06 WT6 H . -8.63 -0.07 7.75
C08 WT6 H . -8.32 0.83 10.20
C09 WT6 H . -7.49 1.67 11.16
C12 WT6 H . -7.94 -0.50 6.56
C13 WT6 H . -8.62 -1.23 5.57
C15 WT6 H . -12.32 -0.01 3.70
C18 WT6 H . -12.75 -1.99 2.27
N07 WT6 H . -7.91 0.72 8.78
N14 WT6 H . -11.76 -1.44 3.35
O01 WT6 H . -11.85 -3.36 5.17
O11 WT6 H . -9.24 0.28 10.61
O19 WT6 H . -10.08 -3.44 3.84
S02 WT6 H . -10.93 -2.48 4.52
PG GNP I . 13.11 -8.66 10.84
O1G GNP I . 12.48 -9.60 9.87
O2G GNP I . 14.50 -8.29 10.36
O3G GNP I . 12.22 -7.39 10.98
N3B GNP I . 13.31 -9.35 12.38
PB GNP I . 12.06 -10.10 13.13
O1B GNP I . 11.14 -10.58 12.04
O2B GNP I . 11.34 -9.18 14.06
O3A GNP I . 12.67 -11.32 14.05
PA GNP I . 12.64 -12.89 13.81
O1A GNP I . 13.21 -13.19 12.43
O2A GNP I . 11.31 -13.47 14.09
O5' GNP I . 13.54 -13.41 14.98
C5' GNP I . 14.86 -12.86 15.22
C4' GNP I . 15.70 -13.89 15.96
O4' GNP I . 15.26 -13.99 17.35
C3' GNP I . 15.68 -15.31 15.41
O3' GNP I . 16.96 -15.89 15.56
C2' GNP I . 14.60 -15.98 16.28
O2' GNP I . 14.71 -17.38 16.42
C1' GNP I . 14.88 -15.32 17.63
N9 GNP I . 13.69 -15.26 18.49
C8 GNP I . 12.51 -14.66 18.16
N7 GNP I . 11.62 -14.73 19.11
C5 GNP I . 12.27 -15.41 20.13
C6 GNP I . 11.80 -15.81 21.44
O6 GNP I . 10.69 -15.59 21.91
N1 GNP I . 12.76 -16.49 22.14
C2 GNP I . 14.02 -16.78 21.68
N2 GNP I . 14.83 -17.44 22.50
N3 GNP I . 14.45 -16.41 20.48
C4 GNP I . 13.53 -15.76 19.76
C10 WT6 J . -3.26 3.46 20.86
C16 WT6 J . -11.11 7.41 17.37
C17 WT6 J . -12.28 7.81 18.43
C03 WT6 J . -8.53 4.81 20.75
C04 WT6 J . -7.15 5.33 20.77
C05 WT6 J . -6.26 4.47 21.42
C06 WT6 J . -6.70 3.26 21.98
C08 WT6 J . -4.55 1.72 22.04
C09 WT6 J . -4.01 2.36 20.78
C12 WT6 J . -8.01 2.74 21.92
C13 WT6 J . -8.92 3.55 21.30
C15 WT6 J . -9.97 7.68 18.06
C18 WT6 J . -11.68 7.81 19.65
N07 WT6 J . -5.84 2.26 22.61
N14 WT6 J . -10.29 7.14 19.49
O01 WT6 J . -10.41 4.61 19.00
O11 WT6 J . -3.91 0.89 22.55
O19 WT6 J . -11.02 5.16 21.10
S02 WT6 J . -10.06 5.49 20.06
C1 GOL K . 17.65 -19.11 29.60
O1 GOL K . 17.26 -17.76 29.63
C2 GOL K . 16.61 -19.95 30.43
O2 GOL K . 16.18 -19.31 31.58
C3 GOL K . 15.43 -20.22 29.49
O3 GOL K . 15.90 -20.78 28.31
C1 GOL L . 20.02 -1.10 7.74
O1 GOL L . 20.31 -2.42 7.45
C2 GOL L . 19.62 -0.60 6.42
O2 GOL L . 18.31 -0.88 6.19
C3 GOL L . 19.97 0.90 6.42
O3 GOL L . 20.29 1.23 5.08
MG MG M . 11.08 -11.06 10.13
#